data_2XOZ
#
_entry.id   2XOZ
#
_cell.length_a   162.810
_cell.length_b   51.560
_cell.length_c   82.490
_cell.angle_alpha   90.00
_cell.angle_beta   105.93
_cell.angle_gamma   90.00
#
_symmetry.space_group_name_H-M   'C 1 2 1'
#
loop_
_entity.id
_entity.type
_entity.pdbx_description
1 polymer 'E3 UBIQUITIN-PROTEIN LIGASE CHFR'
2 non-polymer 'ZINC ION'
3 non-polymer 'ADENOSINE MONOPHOSPHATE'
4 water water
#
_entity_poly.entity_id   1
_entity_poly.type   'polypeptide(L)'
_entity_poly.pdbx_seq_one_letter_code
;GAMDLLELSDVDSESSDISQPYVVCRQCPEYRRQAAQPPHCPAPEGEPGAPQALGDAPSTSVSLTTAVQDYVCPLQGSHA
LCTCCFQPMPDRRVEREQDPRVAPQQCAVCLQPFCHLYWGCTRTGCYGCLAPFCELNLGDKCLDGVLNNNSYESDILKNY
LATRGLTWKNMLTESLVALQRGVFLLSDYRVTGDTVLCYCCGLRSFRELTYQYRQNIPASELPVAVTSRPDCYWGRNCRT
QVKAHHAMKFNHICEQTRFKN
;
_entity_poly.pdbx_strand_id   A,B
#
loop_
_chem_comp.id
_chem_comp.type
_chem_comp.name
_chem_comp.formula
AMP non-polymer 'ADENOSINE MONOPHOSPHATE' 'C10 H14 N5 O7 P'
ZN non-polymer 'ZINC ION' 'Zn 2'
#
# COMPACT_ATOMS: atom_id res chain seq x y z
N PRO A 21 -8.14 31.36 8.91
CA PRO A 21 -8.69 30.68 10.09
C PRO A 21 -8.20 31.33 11.39
N TYR A 22 -9.15 31.60 12.29
CA TYR A 22 -8.80 32.05 13.63
C TYR A 22 -8.12 30.91 14.37
N VAL A 23 -6.95 31.19 14.92
CA VAL A 23 -6.17 30.16 15.58
C VAL A 23 -5.74 30.69 16.92
N VAL A 24 -5.93 29.92 17.97
CA VAL A 24 -5.40 30.26 19.29
C VAL A 24 -4.51 29.14 19.82
N CYS A 25 -3.27 29.48 20.16
CA CYS A 25 -2.32 28.50 20.68
C CYS A 25 -1.88 28.81 22.11
N ARG A 26 -1.25 27.83 22.76
CA ARG A 26 -0.69 28.02 24.11
C ARG A 26 -0.08 29.40 24.36
N GLN A 27 0.47 30.04 23.32
CA GLN A 27 1.25 31.28 23.49
C GLN A 27 0.58 32.51 22.86
N CYS A 28 -0.65 32.33 22.40
CA CYS A 28 -1.43 33.46 21.90
C CYS A 28 -1.85 34.35 23.08
N PRO A 29 -1.91 35.67 22.83
CA PRO A 29 -2.32 36.70 23.80
C PRO A 29 -3.79 36.58 24.25
N GLU A 30 -4.09 36.90 25.50
CA GLU A 30 -5.43 36.69 26.05
C GLU A 30 -6.56 37.32 25.23
N TYR A 31 -6.30 38.48 24.63
CA TYR A 31 -7.34 39.16 23.88
C TYR A 31 -7.76 38.34 22.66
N ARG A 32 -6.83 37.56 22.11
CA ARG A 32 -7.14 36.67 20.99
C ARG A 32 -8.05 35.54 21.45
N ARG A 33 -7.74 34.97 22.62
CA ARG A 33 -8.51 33.89 23.20
C ARG A 33 -9.99 34.25 23.37
N GLN A 34 -10.26 35.41 23.97
CA GLN A 34 -11.63 35.81 24.33
C GLN A 34 -12.45 36.24 23.12
N ALA A 35 -11.77 36.50 22.01
CA ALA A 35 -12.41 36.98 20.79
C ALA A 35 -12.83 35.86 19.83
N ALA A 36 -12.49 34.62 20.15
CA ALA A 36 -12.89 33.49 19.30
C ALA A 36 -14.38 33.24 19.40
N GLN A 37 -14.92 32.42 18.50
CA GLN A 37 -16.31 32.00 18.57
C GLN A 37 -16.54 31.06 19.75
N PRO A 38 -17.53 31.39 20.60
CA PRO A 38 -17.84 30.57 21.79
C PRO A 38 -18.37 29.21 21.42
N PRO A 39 -18.31 28.26 22.37
CA PRO A 39 -18.84 26.92 22.17
C PRO A 39 -20.36 26.95 22.05
N HIS A 40 -20.93 25.86 21.55
CA HIS A 40 -22.38 25.71 21.49
C HIS A 40 -22.90 25.09 22.78
N CYS A 41 -24.05 25.55 23.23
CA CYS A 41 -24.68 25.06 24.45
C CYS A 41 -25.97 24.30 24.12
N PRO A 42 -26.14 23.11 24.72
CA PRO A 42 -27.32 22.22 24.57
C PRO A 42 -28.68 22.87 24.90
N ASP A 70 7.65 31.99 27.65
CA ASP A 70 7.77 33.44 27.70
C ASP A 70 7.19 34.11 26.45
N TYR A 71 7.52 33.57 25.29
CA TYR A 71 7.06 34.12 24.00
C TYR A 71 5.55 34.38 23.95
N VAL A 72 5.15 35.43 23.22
CA VAL A 72 3.75 35.76 22.98
C VAL A 72 3.58 36.03 21.50
N CYS A 73 2.70 35.29 20.84
CA CYS A 73 2.46 35.50 19.41
C CYS A 73 2.10 36.94 19.07
N PRO A 74 2.79 37.52 18.07
CA PRO A 74 2.51 38.84 17.51
C PRO A 74 1.39 38.79 16.49
N LEU A 75 0.93 39.95 16.04
CA LEU A 75 -0.20 39.99 15.11
C LEU A 75 0.21 39.51 13.73
N GLN A 76 1.40 39.87 13.27
CA GLN A 76 1.84 39.53 11.91
C GLN A 76 2.44 38.13 11.80
N GLY A 77 2.58 37.46 12.95
CA GLY A 77 3.14 36.11 12.98
C GLY A 77 2.16 35.03 12.55
N SER A 78 2.69 33.86 12.20
CA SER A 78 1.84 32.75 11.73
C SER A 78 1.95 31.53 12.65
N HIS A 79 1.00 30.61 12.51
CA HIS A 79 1.05 29.36 13.26
C HIS A 79 1.26 28.16 12.32
N ALA A 80 1.87 27.09 12.83
CA ALA A 80 1.88 25.82 12.12
C ALA A 80 1.28 24.74 13.01
N LEU A 81 0.71 23.71 12.38
CA LEU A 81 0.16 22.59 13.12
C LEU A 81 1.23 21.51 13.30
N CYS A 82 1.51 21.15 14.55
CA CYS A 82 2.38 20.03 14.84
C CYS A 82 1.86 18.80 14.11
N THR A 83 2.75 18.11 13.40
CA THR A 83 2.40 16.94 12.60
C THR A 83 1.95 15.75 13.47
N CYS A 84 2.37 15.75 14.73
CA CYS A 84 2.07 14.64 15.63
C CYS A 84 0.73 14.82 16.33
N CYS A 85 0.58 15.93 17.04
CA CYS A 85 -0.62 16.16 17.85
C CYS A 85 -1.67 17.09 17.20
N PHE A 86 -1.37 17.65 16.04
CA PHE A 86 -2.29 18.57 15.34
C PHE A 86 -2.62 19.89 16.08
N GLN A 87 -1.88 20.19 17.15
CA GLN A 87 -2.07 21.46 17.87
C GLN A 87 -1.26 22.58 17.22
N PRO A 88 -1.82 23.80 17.16
CA PRO A 88 -1.09 24.93 16.56
C PRO A 88 0.03 25.43 17.46
N MET A 89 1.13 25.83 16.83
CA MET A 89 2.23 26.49 17.51
C MET A 89 2.62 27.66 16.65
N PRO A 90 3.30 28.63 17.26
CA PRO A 90 3.77 29.80 16.51
C PRO A 90 4.83 29.31 15.57
N ASP A 91 4.78 29.73 14.31
CA ASP A 91 5.76 29.29 13.33
C ASP A 91 7.00 30.17 13.38
N ARG A 92 8.04 29.68 14.03
CA ARG A 92 9.26 30.46 14.22
C ARG A 92 10.46 29.90 13.46
N ARG A 93 10.20 29.09 12.45
CA ARG A 93 11.27 28.51 11.64
C ARG A 93 12.15 29.56 10.95
N VAL A 94 11.53 30.52 10.26
CA VAL A 94 12.29 31.57 9.58
C VAL A 94 13.18 32.33 10.56
N GLU A 95 12.61 32.71 11.70
CA GLU A 95 13.38 33.33 12.78
C GLU A 95 14.59 32.50 13.18
N ARG A 96 14.40 31.18 13.23
CA ARG A 96 15.43 30.28 13.72
C ARG A 96 16.62 30.18 12.76
N GLU A 97 16.39 30.43 11.48
CA GLU A 97 17.43 30.34 10.46
C GLU A 97 18.59 31.32 10.73
N GLN A 98 18.27 32.43 11.39
CA GLN A 98 19.29 33.39 11.78
C GLN A 98 19.31 33.59 13.28
N ASP A 99 18.70 32.64 14.01
CA ASP A 99 18.75 32.66 15.48
C ASP A 99 18.70 31.25 16.06
N PRO A 100 19.86 30.63 16.24
CA PRO A 100 19.92 29.24 16.72
C PRO A 100 19.39 29.07 18.14
N ARG A 101 19.01 30.18 18.78
CA ARG A 101 18.49 30.14 20.15
C ARG A 101 17.04 29.65 20.16
N VAL A 102 16.35 29.82 19.05
CA VAL A 102 15.00 29.29 18.88
C VAL A 102 15.07 27.77 18.76
N ALA A 103 14.25 27.07 19.53
CA ALA A 103 14.20 25.62 19.48
C ALA A 103 13.75 25.16 18.09
N PRO A 104 14.28 24.02 17.62
CA PRO A 104 13.84 23.40 16.38
C PRO A 104 12.33 23.09 16.40
N GLN A 105 11.69 23.24 15.25
CA GLN A 105 10.26 22.97 15.14
C GLN A 105 9.96 22.09 13.94
N GLN A 106 10.99 21.51 13.33
CA GLN A 106 10.78 20.55 12.24
C GLN A 106 11.79 19.40 12.23
N CYS A 107 11.39 18.29 11.62
CA CYS A 107 12.28 17.19 11.31
C CYS A 107 13.24 17.59 10.19
N ALA A 108 14.53 17.36 10.38
CA ALA A 108 15.52 17.77 9.40
C ALA A 108 15.59 16.82 8.22
N VAL A 109 14.88 15.70 8.31
CA VAL A 109 14.77 14.76 7.20
C VAL A 109 13.52 15.02 6.35
N CYS A 110 12.36 15.00 6.97
CA CYS A 110 11.10 15.08 6.21
C CYS A 110 10.57 16.52 6.16
N LEU A 111 11.17 17.39 6.98
CA LEU A 111 10.88 18.82 6.99
C LEU A 111 9.45 19.19 7.44
N GLN A 112 8.69 18.23 7.97
CA GLN A 112 7.39 18.54 8.58
C GLN A 112 7.57 19.16 9.98
N PRO A 113 6.56 19.90 10.46
CA PRO A 113 6.73 20.54 11.78
C PRO A 113 6.26 19.67 12.95
N PHE A 114 7.01 19.74 14.05
CA PHE A 114 6.65 19.07 15.30
C PHE A 114 6.86 19.99 16.49
N CYS A 115 5.97 19.91 17.47
CA CYS A 115 6.04 20.86 18.58
C CYS A 115 6.92 20.41 19.77
N HIS A 116 7.40 19.18 19.75
CA HIS A 116 7.96 18.62 20.98
C HIS A 116 9.16 19.34 21.60
N LEU A 117 10.15 19.71 20.80
CA LEU A 117 11.32 20.41 21.33
C LEU A 117 10.97 21.84 21.66
N TYR A 118 9.97 22.37 20.96
CA TYR A 118 9.61 23.77 21.18
C TYR A 118 8.96 23.99 22.54
N TRP A 119 8.00 23.14 22.91
CA TRP A 119 7.29 23.30 24.18
C TRP A 119 6.70 22.02 24.78
N GLY A 120 7.12 20.87 24.29
CA GLY A 120 6.67 19.61 24.85
C GLY A 120 5.33 19.21 24.28
N CYS A 121 5.31 18.09 23.57
CA CYS A 121 4.11 17.63 22.90
C CYS A 121 3.46 16.55 23.77
N THR A 122 2.14 16.42 23.69
CA THR A 122 1.45 15.38 24.45
C THR A 122 0.34 14.74 23.64
N ARG A 123 0.40 13.42 23.55
CA ARG A 123 -0.63 12.65 22.89
C ARG A 123 -0.35 11.21 23.24
N THR A 124 -1.43 10.46 23.46
CA THR A 124 -1.31 9.00 23.59
C THR A 124 -0.73 8.43 22.29
N GLY A 125 0.47 7.86 22.37
CA GLY A 125 1.12 7.33 21.18
C GLY A 125 2.40 8.06 20.85
N CYS A 126 2.56 9.25 21.41
CA CYS A 126 3.74 10.08 21.21
C CYS A 126 4.72 9.86 22.36
N TYR A 127 5.94 9.46 22.04
CA TYR A 127 6.96 9.17 23.03
C TYR A 127 7.84 10.39 23.24
N GLY A 128 7.59 11.42 22.44
CA GLY A 128 8.52 12.54 22.26
C GLY A 128 8.97 12.56 20.80
N CYS A 129 8.22 13.32 19.99
CA CYS A 129 8.16 13.14 18.55
C CYS A 129 9.23 13.87 17.74
N LEU A 130 10.10 14.60 18.42
CA LEU A 130 11.23 15.27 17.79
C LEU A 130 12.40 15.25 18.74
N ALA A 131 13.55 14.77 18.27
CA ALA A 131 14.72 14.67 19.12
C ALA A 131 15.93 14.38 18.25
N PRO A 132 17.13 14.72 18.75
CA PRO A 132 18.32 14.20 18.11
C PRO A 132 18.20 12.69 18.05
N PHE A 133 18.61 12.10 16.93
CA PHE A 133 18.45 10.68 16.70
C PHE A 133 18.96 9.84 17.88
N CYS A 134 20.15 10.15 18.40
CA CYS A 134 20.72 9.35 19.47
C CYS A 134 19.91 9.44 20.78
N GLU A 135 18.94 10.33 20.85
CA GLU A 135 18.14 10.47 22.05
C GLU A 135 16.64 10.24 21.82
N LEU A 136 16.28 9.95 20.59
CA LEU A 136 14.88 9.76 20.24
C LEU A 136 14.29 8.55 20.95
N ASN A 137 13.10 8.73 21.53
CA ASN A 137 12.38 7.62 22.16
C ASN A 137 11.56 6.88 21.13
N LEU A 138 11.94 5.64 20.85
CA LEU A 138 11.25 4.82 19.87
C LEU A 138 10.15 3.95 20.48
N GLY A 139 10.04 3.99 21.80
CA GLY A 139 8.97 3.29 22.48
C GLY A 139 9.32 1.85 22.82
N ASP A 140 8.58 1.27 23.76
CA ASP A 140 8.89 -0.04 24.31
C ASP A 140 8.75 -1.15 23.28
N LYS A 141 7.92 -0.94 22.27
CA LYS A 141 7.67 -1.99 21.28
C LYS A 141 8.41 -1.77 19.98
N CYS A 142 9.51 -1.01 20.01
CA CYS A 142 10.21 -0.70 18.78
C CYS A 142 10.86 -1.91 18.10
N LEU A 143 11.05 -3.00 18.84
CA LEU A 143 11.68 -4.22 18.28
C LEU A 143 10.65 -5.16 17.63
N ASP A 144 9.37 -4.86 17.81
CA ASP A 144 8.32 -5.66 17.17
C ASP A 144 8.34 -5.41 15.66
N GLY A 145 8.51 -6.48 14.90
CA GLY A 145 8.58 -6.38 13.45
C GLY A 145 9.70 -5.46 12.96
N VAL A 146 10.69 -5.22 13.82
CA VAL A 146 11.80 -4.34 13.48
C VAL A 146 12.66 -4.86 12.30
N LEU A 147 12.66 -6.17 12.10
CA LEU A 147 13.35 -6.78 10.97
C LEU A 147 12.33 -7.16 9.91
N ASN A 148 12.33 -6.45 8.79
CA ASN A 148 11.42 -6.72 7.68
C ASN A 148 9.96 -6.86 8.07
N ASN A 149 9.49 -6.17 9.12
CA ASN A 149 8.13 -6.44 9.59
C ASN A 149 7.90 -7.92 9.76
N ASN A 150 8.93 -8.64 10.18
CA ASN A 150 8.90 -10.07 10.25
C ASN A 150 9.09 -10.49 11.72
N SER A 151 7.99 -10.90 12.34
CA SER A 151 7.95 -11.15 13.78
C SER A 151 8.81 -12.34 14.17
N TYR A 152 8.96 -13.31 13.28
CA TYR A 152 9.82 -14.43 13.57
C TYR A 152 11.29 -14.01 13.57
N GLU A 153 11.68 -13.19 12.59
CA GLU A 153 13.05 -12.69 12.54
C GLU A 153 13.28 -11.69 13.66
N SER A 154 12.24 -10.95 14.02
CA SER A 154 12.36 -9.95 15.06
C SER A 154 12.55 -10.62 16.41
N ASP A 155 11.88 -11.75 16.60
CA ASP A 155 11.90 -12.43 17.89
C ASP A 155 13.23 -13.11 18.16
N ILE A 156 13.83 -13.66 17.12
CA ILE A 156 15.19 -14.16 17.19
C ILE A 156 16.11 -13.06 17.72
N LEU A 157 15.97 -11.86 17.17
CA LEU A 157 16.81 -10.74 17.58
C LEU A 157 16.54 -10.39 19.04
N LYS A 158 15.25 -10.36 19.41
CA LYS A 158 14.87 -10.00 20.77
C LYS A 158 15.49 -10.97 21.76
N ASN A 159 15.47 -12.26 21.40
CA ASN A 159 16.10 -13.31 22.20
C ASN A 159 17.59 -13.12 22.28
N TYR A 160 18.21 -12.79 21.16
CA TYR A 160 19.63 -12.56 21.19
C TYR A 160 20.01 -11.50 22.22
N LEU A 161 19.23 -10.42 22.23
CA LEU A 161 19.53 -9.27 23.09
C LEU A 161 19.20 -9.59 24.55
N ALA A 162 18.05 -10.23 24.76
CA ALA A 162 17.58 -10.57 26.09
C ALA A 162 18.53 -11.54 26.76
N THR A 163 19.06 -12.46 25.97
CA THR A 163 20.02 -13.42 26.44
C THR A 163 21.24 -12.72 27.03
N ARG A 164 21.61 -11.58 26.46
CA ARG A 164 22.83 -10.91 26.87
C ARG A 164 22.56 -9.68 27.71
N GLY A 165 21.30 -9.47 28.05
CA GLY A 165 20.92 -8.34 28.87
C GLY A 165 21.03 -7.01 28.14
N LEU A 166 21.00 -7.06 26.80
CA LEU A 166 21.08 -5.83 26.01
C LEU A 166 19.69 -5.27 25.75
N THR A 167 19.61 -3.95 25.60
CA THR A 167 18.36 -3.28 25.26
C THR A 167 18.41 -2.75 23.83
N TRP A 168 17.27 -2.39 23.27
CA TRP A 168 17.26 -1.78 21.95
C TRP A 168 18.18 -0.56 21.96
N LYS A 169 18.29 0.06 23.13
CA LYS A 169 19.14 1.25 23.33
C LYS A 169 20.63 0.97 23.15
N ASN A 170 21.14 -0.07 23.82
CA ASN A 170 22.52 -0.50 23.61
C ASN A 170 22.80 -0.86 22.15
N MET A 171 21.82 -1.47 21.50
CA MET A 171 22.00 -1.89 20.11
C MET A 171 22.10 -0.67 19.19
N LEU A 172 21.24 0.31 19.41
CA LEU A 172 21.28 1.54 18.62
C LEU A 172 22.60 2.27 18.82
N THR A 173 23.04 2.34 20.07
CA THR A 173 24.29 3.02 20.38
C THR A 173 25.43 2.40 19.61
N GLU A 174 25.50 1.07 19.64
CA GLU A 174 26.55 0.32 18.97
C GLU A 174 26.47 0.52 17.45
N SER A 175 25.25 0.61 16.93
CA SER A 175 25.02 0.83 15.49
C SER A 175 25.45 2.22 15.06
N LEU A 176 25.10 3.23 15.87
CA LEU A 176 25.47 4.61 15.58
C LEU A 176 26.98 4.80 15.50
N VAL A 177 27.72 3.96 16.22
CA VAL A 177 29.18 3.99 16.10
C VAL A 177 29.61 3.49 14.73
N ALA A 178 29.07 2.37 14.29
CA ALA A 178 29.38 1.81 12.99
C ALA A 178 28.97 2.76 11.87
N LEU A 179 27.82 3.41 12.04
CA LEU A 179 27.33 4.39 11.08
C LEU A 179 28.31 5.55 10.92
N GLN A 180 28.84 6.02 12.03
CA GLN A 180 29.66 7.22 12.01
C GLN A 180 31.01 6.95 11.33
N ARG A 181 31.48 5.71 11.41
CA ARG A 181 32.72 5.31 10.74
C ARG A 181 32.51 4.93 9.28
N GLY A 182 31.25 4.89 8.84
CA GLY A 182 30.96 4.45 7.49
C GLY A 182 30.88 2.95 7.33
N VAL A 183 30.88 2.23 8.44
CA VAL A 183 30.68 0.78 8.41
C VAL A 183 29.22 0.41 8.08
N PHE A 184 28.25 1.06 8.75
CA PHE A 184 26.84 0.91 8.40
C PHE A 184 26.43 2.09 7.53
N LEU A 185 25.40 1.88 6.72
CA LEU A 185 24.87 2.91 5.82
C LEU A 185 23.35 3.09 5.98
N LEU A 186 22.86 4.28 5.64
CA LEU A 186 21.44 4.61 5.73
C LEU A 186 20.95 5.09 4.38
N SER A 187 19.67 4.90 4.12
CA SER A 187 19.08 5.40 2.89
C SER A 187 19.02 6.93 2.92
N ASP A 188 18.61 7.48 4.07
CA ASP A 188 18.76 8.91 4.32
C ASP A 188 20.23 9.09 4.73
N TYR A 189 21.08 9.14 3.71
CA TYR A 189 22.49 8.83 3.92
C TYR A 189 23.21 9.86 4.76
N ARG A 190 22.65 11.05 4.89
CA ARG A 190 23.32 12.07 5.68
C ARG A 190 22.88 12.17 7.15
N VAL A 191 21.97 11.31 7.55
CA VAL A 191 21.53 11.28 8.95
C VAL A 191 22.67 10.84 9.90
N THR A 192 22.85 11.56 11.00
CA THR A 192 23.76 11.10 12.05
C THR A 192 23.03 10.98 13.39
N GLY A 193 23.74 10.52 14.41
CA GLY A 193 23.17 10.45 15.74
C GLY A 193 22.75 11.82 16.24
N ASP A 194 23.31 12.88 15.65
CA ASP A 194 23.00 14.23 16.10
C ASP A 194 21.87 14.89 15.32
N THR A 195 21.55 14.35 14.16
CA THR A 195 20.44 14.87 13.38
C THR A 195 19.19 14.93 14.21
N VAL A 196 18.48 16.05 14.12
CA VAL A 196 17.21 16.20 14.81
C VAL A 196 16.09 15.74 13.89
N LEU A 197 15.36 14.71 14.33
CA LEU A 197 14.34 14.17 13.44
C LEU A 197 13.13 13.66 14.18
N CYS A 198 12.11 13.29 13.41
CA CYS A 198 10.86 12.86 14.03
C CYS A 198 10.83 11.37 14.36
N TYR A 199 9.85 10.99 15.16
CA TYR A 199 9.61 9.59 15.47
C TYR A 199 9.64 8.71 14.21
N CYS A 200 8.88 9.11 13.19
CA CYS A 200 8.78 8.29 11.99
C CYS A 200 10.10 8.17 11.20
N CYS A 201 10.79 9.29 10.94
CA CYS A 201 12.07 9.22 10.23
C CYS A 201 13.14 8.46 11.05
N GLY A 202 13.18 8.68 12.38
CA GLY A 202 14.06 7.93 13.25
C GLY A 202 13.78 6.43 13.25
N LEU A 203 12.50 6.05 13.26
CA LEU A 203 12.12 4.64 13.28
C LEU A 203 12.62 3.99 12.00
N ARG A 204 12.41 4.69 10.89
CA ARG A 204 12.79 4.21 9.59
C ARG A 204 14.29 3.88 9.49
N SER A 205 15.14 4.77 9.98
CA SER A 205 16.59 4.54 9.95
C SER A 205 17.03 3.54 11.01
N PHE A 206 16.28 3.48 12.11
CA PHE A 206 16.54 2.48 13.14
C PHE A 206 16.33 1.06 12.61
N ARG A 207 15.37 0.87 11.70
CA ARG A 207 15.16 -0.45 11.08
C ARG A 207 16.33 -0.87 10.18
N GLU A 208 16.83 0.07 9.38
CA GLU A 208 18.00 -0.19 8.56
C GLU A 208 19.25 -0.47 9.40
N LEU A 209 19.50 0.34 10.43
CA LEU A 209 20.64 0.09 11.32
C LEU A 209 20.50 -1.26 12.03
N THR A 210 19.29 -1.58 12.49
CA THR A 210 19.06 -2.83 13.22
C THR A 210 19.28 -4.03 12.30
N TYR A 211 18.90 -3.87 11.04
CA TYR A 211 19.08 -4.94 10.08
C TYR A 211 20.56 -5.25 9.93
N GLN A 212 21.38 -4.22 9.80
CA GLN A 212 22.82 -4.40 9.66
C GLN A 212 23.45 -4.97 10.93
N TYR A 213 22.97 -4.53 12.08
CA TYR A 213 23.38 -5.11 13.35
C TYR A 213 23.16 -6.63 13.39
N ARG A 214 21.96 -7.06 13.00
CA ARG A 214 21.59 -8.47 12.99
C ARG A 214 22.48 -9.26 12.03
N GLN A 215 22.71 -8.68 10.87
CA GLN A 215 23.55 -9.24 9.83
C GLN A 215 24.96 -9.55 10.36
N ASN A 216 25.44 -8.75 11.30
CA ASN A 216 26.79 -8.90 11.79
C ASN A 216 26.93 -9.81 12.98
N ILE A 217 25.81 -10.38 13.43
CA ILE A 217 25.86 -11.38 14.49
C ILE A 217 26.36 -12.68 13.90
N PRO A 218 27.45 -13.23 14.48
CA PRO A 218 28.02 -14.53 14.10
C PRO A 218 26.99 -15.64 14.21
N ALA A 219 27.00 -16.58 13.27
CA ALA A 219 26.06 -17.71 13.29
C ALA A 219 26.18 -18.62 14.53
N SER A 220 27.36 -18.65 15.14
CA SER A 220 27.54 -19.45 16.36
C SER A 220 26.95 -18.80 17.61
N GLU A 221 26.56 -17.54 17.52
CA GLU A 221 25.94 -16.83 18.66
C GLU A 221 24.43 -16.94 18.63
N LEU A 222 23.91 -17.66 17.66
CA LEU A 222 22.46 -17.81 17.52
C LEU A 222 22.11 -19.29 17.67
N PRO A 223 20.88 -19.59 18.13
CA PRO A 223 20.44 -20.99 18.21
C PRO A 223 20.65 -21.67 16.88
N VAL A 224 20.88 -22.98 16.92
CA VAL A 224 21.10 -23.75 15.72
C VAL A 224 19.80 -23.86 14.94
N ALA A 225 18.69 -23.77 15.67
CA ALA A 225 17.36 -23.78 15.05
C ALA A 225 17.22 -22.62 14.06
N VAL A 226 17.96 -21.55 14.32
CA VAL A 226 17.98 -20.37 13.47
C VAL A 226 18.89 -20.53 12.25
N THR A 227 20.12 -20.98 12.48
CA THR A 227 21.12 -21.06 11.41
C THR A 227 20.89 -22.22 10.45
N SER A 228 20.09 -23.21 10.86
CA SER A 228 19.77 -24.32 9.97
C SER A 228 18.95 -23.92 8.75
N ARG A 229 18.03 -22.98 8.95
CA ARG A 229 17.10 -22.59 7.89
C ARG A 229 17.80 -22.12 6.62
N PRO A 230 17.34 -22.63 5.47
CA PRO A 230 17.83 -22.19 4.15
C PRO A 230 17.46 -20.73 3.89
N ASP A 231 18.35 -20.00 3.22
CA ASP A 231 18.04 -18.66 2.74
C ASP A 231 16.83 -18.66 1.80
N CYS A 232 15.92 -17.72 1.99
CA CYS A 232 14.88 -17.49 0.97
C CYS A 232 15.53 -16.92 -0.28
N TYR A 233 15.13 -17.46 -1.42
CA TYR A 233 15.58 -16.98 -2.72
C TYR A 233 15.35 -15.46 -2.83
N TRP A 234 14.25 -14.97 -2.28
CA TRP A 234 13.88 -13.56 -2.46
C TRP A 234 14.48 -12.62 -1.42
N GLY A 235 15.16 -13.17 -0.41
CA GLY A 235 15.92 -12.37 0.54
C GLY A 235 15.08 -11.42 1.38
N ARG A 236 15.70 -10.34 1.84
CA ARG A 236 15.10 -9.46 2.86
C ARG A 236 13.79 -8.81 2.44
N ASN A 237 13.61 -8.60 1.14
CA ASN A 237 12.41 -7.94 0.62
C ASN A 237 11.30 -8.89 0.19
N CYS A 238 11.42 -10.15 0.58
CA CYS A 238 10.41 -11.14 0.26
C CYS A 238 9.02 -10.71 0.76
N ARG A 239 8.03 -10.84 -0.10
CA ARG A 239 6.67 -10.48 0.29
C ARG A 239 5.93 -11.58 1.06
N THR A 240 6.44 -12.80 1.03
CA THR A 240 5.72 -13.91 1.65
C THR A 240 6.05 -14.05 3.13
N GLN A 241 7.06 -13.33 3.59
CA GLN A 241 7.55 -13.53 4.95
C GLN A 241 6.61 -12.96 6.05
N VAL A 242 5.51 -12.34 5.65
CA VAL A 242 4.51 -11.94 6.63
C VAL A 242 3.57 -13.09 6.98
N LYS A 243 3.81 -14.25 6.38
CA LYS A 243 3.08 -15.46 6.70
C LYS A 243 3.93 -16.34 7.61
N ALA A 244 3.39 -16.73 8.75
CA ALA A 244 4.17 -17.38 9.80
C ALA A 244 4.97 -18.59 9.32
N HIS A 245 4.33 -19.45 8.53
CA HIS A 245 4.99 -20.69 8.08
C HIS A 245 6.23 -20.45 7.20
N HIS A 246 6.11 -19.55 6.23
CA HIS A 246 7.21 -19.18 5.37
C HIS A 246 8.32 -18.51 6.19
N ALA A 247 7.93 -17.62 7.09
CA ALA A 247 8.89 -16.86 7.90
C ALA A 247 9.70 -17.77 8.81
N MET A 248 9.06 -18.79 9.35
CA MET A 248 9.76 -19.76 10.19
C MET A 248 10.67 -20.71 9.39
N LYS A 249 10.21 -21.07 8.20
CA LYS A 249 10.90 -22.06 7.40
C LYS A 249 12.20 -21.55 6.77
N PHE A 250 12.19 -20.30 6.30
CA PHE A 250 13.36 -19.73 5.60
C PHE A 250 13.99 -18.57 6.33
N ASN A 251 15.30 -18.42 6.14
CA ASN A 251 16.01 -17.25 6.65
C ASN A 251 15.83 -16.07 5.68
N HIS A 252 15.49 -14.91 6.23
CA HIS A 252 15.29 -13.71 5.41
C HIS A 252 16.28 -12.59 5.77
N ILE A 253 17.30 -12.94 6.55
CA ILE A 253 18.44 -12.05 6.74
C ILE A 253 19.45 -12.38 5.65
N CYS A 254 19.14 -11.97 4.43
CA CYS A 254 20.02 -12.22 3.28
C CYS A 254 19.49 -11.38 2.13
N GLU A 255 20.27 -11.30 1.05
CA GLU A 255 19.90 -10.53 -0.12
C GLU A 255 19.26 -11.42 -1.17
N GLN A 256 18.54 -10.76 -2.08
CA GLN A 256 17.94 -11.36 -3.26
C GLN A 256 18.95 -12.22 -4.02
N THR A 257 18.58 -13.46 -4.34
CA THR A 257 19.43 -14.29 -5.20
C THR A 257 19.39 -13.83 -6.67
N ARG A 258 20.55 -13.51 -7.23
CA ARG A 258 20.56 -13.15 -8.65
C ARG A 258 21.09 -14.29 -9.54
N PHE A 259 22.37 -14.30 -9.87
CA PHE A 259 22.91 -15.41 -10.65
C PHE A 259 23.32 -16.58 -9.76
N LYS A 260 23.55 -17.75 -10.37
CA LYS A 260 24.11 -18.92 -9.68
C LYS A 260 24.67 -18.62 -8.29
N TYR B 22 -40.38 6.96 -11.34
CA TYR B 22 -40.04 8.36 -11.53
C TYR B 22 -38.73 8.72 -10.81
N VAL B 23 -37.69 9.06 -11.57
CA VAL B 23 -36.39 9.31 -10.95
C VAL B 23 -35.74 10.61 -11.38
N VAL B 24 -34.85 11.07 -10.52
CA VAL B 24 -34.15 12.33 -10.74
C VAL B 24 -32.67 12.10 -10.53
N CYS B 25 -31.87 12.54 -11.50
CA CYS B 25 -30.45 12.31 -11.42
C CYS B 25 -29.72 13.64 -11.35
N ARG B 26 -28.41 13.58 -11.14
CA ARG B 26 -27.58 14.78 -10.96
C ARG B 26 -27.72 15.77 -12.13
N GLN B 27 -28.23 15.30 -13.27
CA GLN B 27 -28.26 16.14 -14.47
C GLN B 27 -29.67 16.56 -14.89
N CYS B 28 -30.66 16.11 -14.13
CA CYS B 28 -32.03 16.53 -14.35
C CYS B 28 -32.16 18.05 -14.21
N PRO B 29 -33.06 18.68 -14.99
CA PRO B 29 -33.31 20.11 -14.83
C PRO B 29 -34.16 20.34 -13.57
N GLU B 30 -34.10 21.54 -13.00
CA GLU B 30 -34.88 21.89 -11.81
C GLU B 30 -36.37 21.54 -11.85
N TYR B 31 -37.06 21.87 -12.95
CA TYR B 31 -38.49 21.58 -13.01
C TYR B 31 -38.77 20.10 -12.78
N ARG B 32 -37.87 19.25 -13.25
CA ARG B 32 -38.05 17.82 -13.06
C ARG B 32 -37.77 17.46 -11.59
N ARG B 33 -36.68 18.01 -11.03
CA ARG B 33 -36.34 17.75 -9.63
C ARG B 33 -37.41 18.25 -8.66
N GLN B 34 -37.87 19.48 -8.89
CA GLN B 34 -38.87 20.12 -8.02
C GLN B 34 -40.19 19.38 -8.02
N ALA B 35 -40.35 18.47 -8.98
CA ALA B 35 -41.63 17.79 -9.17
C ALA B 35 -41.70 16.41 -8.51
N ALA B 36 -40.59 15.92 -7.99
CA ALA B 36 -40.60 14.62 -7.31
C ALA B 36 -41.47 14.64 -6.07
N GLN B 37 -41.80 13.46 -5.56
CA GLN B 37 -42.52 13.35 -4.31
C GLN B 37 -41.61 13.73 -3.16
N PRO B 38 -42.17 14.41 -2.14
CA PRO B 38 -41.49 14.80 -0.90
C PRO B 38 -41.17 13.57 -0.05
N PRO B 39 -40.05 13.62 0.69
CA PRO B 39 -39.67 12.57 1.66
C PRO B 39 -40.54 12.59 2.91
N HIS B 40 -40.40 11.58 3.77
CA HIS B 40 -41.10 11.58 5.03
C HIS B 40 -40.31 12.43 6.02
N CYS B 41 -40.99 13.35 6.68
CA CYS B 41 -40.36 14.15 7.72
C CYS B 41 -40.60 13.54 9.09
N PRO B 42 -39.52 13.42 9.89
CA PRO B 42 -39.57 12.81 11.23
C PRO B 42 -40.54 13.55 12.16
N ASP B 70 -21.93 18.62 -18.91
CA ASP B 70 -22.68 19.86 -18.88
C ASP B 70 -24.12 19.61 -19.32
N TYR B 71 -24.37 18.37 -19.73
CA TYR B 71 -25.67 17.89 -20.21
C TYR B 71 -26.82 18.10 -19.22
N VAL B 72 -28.01 18.39 -19.73
CA VAL B 72 -29.20 18.48 -18.90
C VAL B 72 -30.26 17.54 -19.47
N CYS B 73 -30.82 16.69 -18.63
CA CYS B 73 -31.83 15.73 -19.10
C CYS B 73 -33.02 16.41 -19.79
N PRO B 74 -33.27 16.03 -21.04
CA PRO B 74 -34.46 16.47 -21.79
C PRO B 74 -35.71 15.78 -21.28
N LEU B 75 -36.87 16.37 -21.59
CA LEU B 75 -38.16 15.82 -21.19
C LEU B 75 -38.33 14.36 -21.61
N GLN B 76 -37.77 14.02 -22.77
CA GLN B 76 -37.93 12.68 -23.35
C GLN B 76 -36.89 11.71 -22.81
N GLY B 77 -35.92 12.23 -22.07
CA GLY B 77 -34.87 11.40 -21.48
C GLY B 77 -35.34 10.31 -20.51
N SER B 78 -34.75 9.13 -20.65
CA SER B 78 -34.95 8.06 -19.68
C SER B 78 -33.74 7.95 -18.74
N HIS B 79 -33.87 7.11 -17.73
CA HIS B 79 -32.77 6.93 -16.80
C HIS B 79 -32.50 5.47 -16.57
N ALA B 80 -31.26 5.14 -16.25
CA ALA B 80 -30.89 3.80 -15.84
C ALA B 80 -30.14 3.85 -14.51
N LEU B 81 -30.26 2.81 -13.70
CA LEU B 81 -29.54 2.74 -12.43
C LEU B 81 -28.15 2.13 -12.58
N CYS B 82 -27.15 2.80 -12.01
CA CYS B 82 -25.81 2.22 -11.89
C CYS B 82 -25.87 0.89 -11.14
N THR B 83 -25.28 -0.14 -11.71
CA THR B 83 -25.31 -1.47 -11.13
C THR B 83 -24.48 -1.51 -9.85
N CYS B 84 -23.48 -0.64 -9.78
CA CYS B 84 -22.61 -0.54 -8.60
C CYS B 84 -23.16 0.38 -7.48
N CYS B 85 -23.49 1.63 -7.79
CA CYS B 85 -23.96 2.55 -6.75
C CYS B 85 -25.49 2.67 -6.61
N PHE B 86 -26.23 2.12 -7.57
CA PHE B 86 -27.70 2.10 -7.52
C PHE B 86 -28.37 3.46 -7.80
N GLN B 87 -27.58 4.45 -8.18
CA GLN B 87 -28.10 5.77 -8.44
C GLN B 87 -28.35 5.98 -9.93
N PRO B 88 -29.39 6.76 -10.27
CA PRO B 88 -29.83 6.98 -11.65
C PRO B 88 -28.87 7.81 -12.48
N MET B 89 -28.80 7.47 -13.76
CA MET B 89 -28.06 8.28 -14.70
C MET B 89 -28.87 8.36 -15.97
N PRO B 90 -28.67 9.43 -16.75
CA PRO B 90 -29.40 9.51 -18.01
C PRO B 90 -29.02 8.31 -18.86
N ASP B 91 -30.00 7.65 -19.46
CA ASP B 91 -29.70 6.54 -20.34
C ASP B 91 -29.43 7.07 -21.74
N ARG B 92 -28.17 7.22 -22.08
CA ARG B 92 -27.80 7.80 -23.34
C ARG B 92 -27.17 6.77 -24.26
N ARG B 93 -27.48 5.51 -24.02
CA ARG B 93 -26.83 4.44 -24.77
C ARG B 93 -27.23 4.45 -26.24
N VAL B 94 -28.52 4.54 -26.52
CA VAL B 94 -29.00 4.64 -27.90
C VAL B 94 -28.39 5.85 -28.62
N GLU B 95 -28.29 6.97 -27.91
CA GLU B 95 -27.63 8.17 -28.45
C GLU B 95 -26.16 7.92 -28.84
N ARG B 96 -25.50 7.05 -28.10
CA ARG B 96 -24.06 6.85 -28.24
C ARG B 96 -23.72 6.05 -29.50
N GLU B 97 -24.63 5.17 -29.88
CA GLU B 97 -24.53 4.40 -31.12
C GLU B 97 -24.29 5.31 -32.32
N GLN B 98 -24.89 6.50 -32.29
CA GLN B 98 -24.76 7.49 -33.35
C GLN B 98 -23.75 8.58 -33.01
N ASP B 99 -23.40 8.69 -31.73
CA ASP B 99 -22.45 9.72 -31.31
C ASP B 99 -21.44 9.16 -30.31
N PRO B 100 -20.33 8.62 -30.81
CA PRO B 100 -19.28 8.01 -29.99
C PRO B 100 -18.60 9.01 -29.05
N ARG B 101 -19.01 10.27 -29.10
CA ARG B 101 -18.50 11.26 -28.17
C ARG B 101 -19.10 11.04 -26.80
N VAL B 102 -20.27 10.40 -26.78
CA VAL B 102 -20.95 10.08 -25.52
C VAL B 102 -20.21 8.97 -24.78
N ALA B 103 -19.97 9.16 -23.50
CA ALA B 103 -19.24 8.18 -22.68
C ALA B 103 -19.99 6.84 -22.54
N PRO B 104 -19.26 5.72 -22.54
CA PRO B 104 -19.86 4.40 -22.33
C PRO B 104 -20.57 4.31 -20.97
N GLN B 105 -21.72 3.65 -20.93
CA GLN B 105 -22.49 3.51 -19.69
C GLN B 105 -22.78 2.04 -19.37
N GLN B 106 -22.11 1.13 -20.06
CA GLN B 106 -22.29 -0.29 -19.77
C GLN B 106 -21.05 -1.11 -20.09
N CYS B 107 -20.93 -2.26 -19.43
CA CYS B 107 -19.88 -3.24 -19.71
C CYS B 107 -20.15 -3.94 -21.05
N ALA B 108 -19.13 -4.06 -21.90
CA ALA B 108 -19.35 -4.60 -23.23
C ALA B 108 -19.70 -6.08 -23.16
N VAL B 109 -19.26 -6.72 -22.08
CA VAL B 109 -19.42 -8.15 -21.97
C VAL B 109 -20.76 -8.53 -21.35
N CYS B 110 -21.02 -8.08 -20.13
CA CYS B 110 -22.23 -8.54 -19.47
C CYS B 110 -23.39 -7.57 -19.72
N LEU B 111 -23.08 -6.38 -20.22
CA LEU B 111 -24.10 -5.41 -20.63
C LEU B 111 -24.83 -4.70 -19.47
N GLN B 112 -24.30 -4.83 -18.25
CA GLN B 112 -24.86 -4.13 -17.12
CA GLN B 112 -24.87 -4.13 -17.12
C GLN B 112 -24.43 -2.67 -17.14
N PRO B 113 -25.30 -1.77 -16.66
CA PRO B 113 -25.05 -0.32 -16.59
C PRO B 113 -24.16 0.08 -15.40
N PHE B 114 -23.26 1.03 -15.64
CA PHE B 114 -22.40 1.56 -14.58
C PHE B 114 -22.14 3.02 -14.91
N CYS B 115 -22.00 3.86 -13.88
CA CYS B 115 -21.99 5.30 -14.09
C CYS B 115 -20.59 5.90 -14.14
N HIS B 116 -19.59 5.11 -13.78
CA HIS B 116 -18.26 5.64 -13.55
C HIS B 116 -17.59 6.37 -14.71
N LEU B 117 -17.65 5.81 -15.92
CA LEU B 117 -17.01 6.48 -17.05
C LEU B 117 -17.80 7.73 -17.43
N TYR B 118 -19.12 7.66 -17.24
CA TYR B 118 -19.99 8.75 -17.62
C TYR B 118 -19.76 10.02 -16.78
N TRP B 119 -19.67 9.86 -15.46
CA TRP B 119 -19.54 11.05 -14.59
C TRP B 119 -18.94 10.80 -13.20
N GLY B 120 -18.33 9.62 -12.99
CA GLY B 120 -17.65 9.32 -11.75
C GLY B 120 -18.56 8.71 -10.68
N CYS B 121 -18.29 7.45 -10.33
CA CYS B 121 -19.11 6.76 -9.35
C CYS B 121 -18.48 6.91 -7.96
N THR B 122 -19.31 6.96 -6.91
CA THR B 122 -18.80 7.04 -5.53
C THR B 122 -19.49 6.02 -4.64
N ARG B 123 -18.70 5.12 -4.05
CA ARG B 123 -19.23 4.10 -3.16
C ARG B 123 -18.06 3.42 -2.50
N THR B 124 -18.15 3.23 -1.20
CA THR B 124 -17.11 2.49 -0.49
C THR B 124 -17.14 1.05 -1.01
N GLY B 125 -16.06 0.65 -1.67
CA GLY B 125 -16.00 -0.67 -2.25
C GLY B 125 -15.99 -0.60 -3.77
N CYS B 126 -16.28 0.57 -4.32
CA CYS B 126 -16.15 0.80 -5.76
C CYS B 126 -14.75 1.35 -6.05
N TYR B 127 -14.01 0.68 -6.94
CA TYR B 127 -12.68 1.14 -7.31
C TYR B 127 -12.71 2.01 -8.56
N GLY B 128 -13.92 2.22 -9.11
CA GLY B 128 -14.09 2.75 -10.45
C GLY B 128 -14.67 1.61 -11.29
N CYS B 129 -15.99 1.51 -11.30
CA CYS B 129 -16.65 0.28 -11.71
C CYS B 129 -16.71 0.05 -13.23
N LEU B 130 -16.19 0.99 -14.02
CA LEU B 130 -16.16 0.81 -15.47
C LEU B 130 -14.94 1.51 -16.05
N ALA B 131 -14.23 0.80 -16.93
CA ALA B 131 -13.06 1.36 -17.62
C ALA B 131 -12.64 0.53 -18.82
N PRO B 132 -11.97 1.16 -19.79
CA PRO B 132 -11.20 0.36 -20.76
C PRO B 132 -10.30 -0.62 -19.98
N PHE B 133 -10.14 -1.85 -20.46
CA PHE B 133 -9.49 -2.92 -19.71
C PHE B 133 -8.12 -2.49 -19.18
N CYS B 134 -7.33 -1.85 -20.03
CA CYS B 134 -5.99 -1.39 -19.65
C CYS B 134 -5.96 -0.35 -18.51
N GLU B 135 -7.09 0.28 -18.20
CA GLU B 135 -7.16 1.30 -17.16
CA GLU B 135 -7.14 1.28 -17.13
C GLU B 135 -8.01 0.84 -15.96
N LEU B 136 -8.58 -0.35 -16.05
CA LEU B 136 -9.49 -0.84 -15.02
C LEU B 136 -8.75 -1.02 -13.66
N ASN B 137 -9.36 -0.56 -12.57
CA ASN B 137 -8.77 -0.80 -11.25
C ASN B 137 -9.29 -2.07 -10.61
N LEU B 138 -8.37 -2.93 -10.19
CA LEU B 138 -8.75 -4.23 -9.67
C LEU B 138 -8.54 -4.30 -8.16
N GLY B 139 -7.99 -3.24 -7.58
CA GLY B 139 -7.81 -3.20 -6.14
C GLY B 139 -6.42 -3.57 -5.68
N ASP B 140 -6.07 -3.11 -4.48
CA ASP B 140 -4.72 -3.33 -3.94
C ASP B 140 -4.36 -4.80 -3.78
N LYS B 141 -5.36 -5.67 -3.63
CA LYS B 141 -5.08 -7.07 -3.33
C LYS B 141 -5.37 -8.05 -4.45
N CYS B 142 -5.48 -7.58 -5.68
CA CYS B 142 -5.85 -8.46 -6.78
C CYS B 142 -4.80 -9.54 -7.11
N LEU B 143 -3.56 -9.35 -6.66
CA LEU B 143 -2.57 -10.39 -6.89
C LEU B 143 -2.78 -11.60 -5.96
N ASP B 144 -3.55 -11.43 -4.90
CA ASP B 144 -3.76 -12.52 -3.96
C ASP B 144 -4.56 -13.66 -4.57
N GLY B 145 -3.98 -14.84 -4.57
CA GLY B 145 -4.59 -16.01 -5.18
C GLY B 145 -4.98 -15.80 -6.65
N VAL B 146 -4.35 -14.85 -7.33
CA VAL B 146 -4.67 -14.60 -8.73
C VAL B 146 -4.43 -15.83 -9.60
N LEU B 147 -3.50 -16.68 -9.20
CA LEU B 147 -3.24 -17.89 -9.99
C LEU B 147 -4.08 -19.07 -9.52
N ASN B 148 -5.33 -19.11 -9.98
CA ASN B 148 -6.19 -20.26 -9.69
C ASN B 148 -6.38 -20.45 -8.19
N ASN B 149 -6.45 -19.35 -7.43
CA ASN B 149 -6.68 -19.41 -5.99
C ASN B 149 -5.62 -20.20 -5.24
N ASN B 150 -4.44 -20.27 -5.84
CA ASN B 150 -3.30 -20.98 -5.28
C ASN B 150 -2.34 -19.95 -4.66
N SER B 151 -2.29 -19.90 -3.34
CA SER B 151 -1.51 -18.85 -2.66
C SER B 151 0.00 -19.06 -2.77
N TYR B 152 0.42 -20.31 -2.83
CA TYR B 152 1.82 -20.64 -3.03
C TYR B 152 2.33 -20.19 -4.42
N GLU B 153 1.61 -20.49 -5.50
CA GLU B 153 2.01 -20.05 -6.82
C GLU B 153 1.87 -18.53 -6.96
N SER B 154 0.85 -17.97 -6.36
CA SER B 154 0.61 -16.54 -6.40
C SER B 154 1.67 -15.75 -5.63
N ASP B 155 2.07 -16.25 -4.46
CA ASP B 155 3.13 -15.56 -3.69
C ASP B 155 4.45 -15.55 -4.45
N ILE B 156 4.71 -16.61 -5.20
CA ILE B 156 5.86 -16.61 -6.07
C ILE B 156 5.77 -15.49 -7.08
N LEU B 157 4.61 -15.38 -7.74
CA LEU B 157 4.42 -14.34 -8.76
C LEU B 157 4.58 -12.95 -8.17
N LYS B 158 4.01 -12.73 -6.98
CA LYS B 158 4.14 -11.47 -6.30
C LYS B 158 5.61 -11.15 -6.04
N ASN B 159 6.39 -12.13 -5.59
CA ASN B 159 7.79 -11.88 -5.33
C ASN B 159 8.51 -11.53 -6.62
N TYR B 160 8.10 -12.17 -7.71
CA TYR B 160 8.74 -11.94 -9.00
C TYR B 160 8.51 -10.50 -9.46
N LEU B 161 7.25 -10.06 -9.41
CA LEU B 161 6.90 -8.71 -9.82
C LEU B 161 7.65 -7.69 -8.97
N ALA B 162 7.64 -7.89 -7.65
CA ALA B 162 8.28 -6.98 -6.72
C ALA B 162 9.78 -6.86 -7.00
N THR B 163 10.44 -7.98 -7.22
CA THR B 163 11.88 -8.00 -7.44
C THR B 163 12.22 -7.29 -8.74
N ARG B 164 11.33 -7.41 -9.72
CA ARG B 164 11.49 -6.72 -10.98
C ARG B 164 11.08 -5.24 -10.93
N GLY B 165 10.49 -4.81 -9.81
CA GLY B 165 9.99 -3.44 -9.67
C GLY B 165 8.69 -3.15 -10.42
N LEU B 166 7.90 -4.19 -10.66
CA LEU B 166 6.62 -4.07 -11.38
C LEU B 166 5.40 -4.10 -10.43
N THR B 167 4.35 -3.36 -10.81
CA THR B 167 3.05 -3.45 -10.15
C THR B 167 2.17 -4.39 -10.95
N TRP B 168 1.03 -4.80 -10.40
CA TRP B 168 0.10 -5.64 -11.18
C TRP B 168 -0.36 -4.92 -12.47
N LYS B 169 -0.29 -3.60 -12.49
CA LYS B 169 -0.71 -2.83 -13.66
C LYS B 169 0.30 -2.97 -14.78
N ASN B 170 1.57 -2.97 -14.45
CA ASN B 170 2.62 -3.26 -15.43
C ASN B 170 2.44 -4.65 -16.06
N MET B 171 2.14 -5.64 -15.22
CA MET B 171 1.94 -6.99 -15.71
C MET B 171 0.75 -7.07 -16.65
N LEU B 172 -0.36 -6.44 -16.25
CA LEU B 172 -1.55 -6.39 -17.11
C LEU B 172 -1.20 -5.78 -18.46
N THR B 173 -0.53 -4.63 -18.42
CA THR B 173 -0.14 -3.91 -19.62
C THR B 173 0.68 -4.80 -20.55
N GLU B 174 1.69 -5.45 -20.01
CA GLU B 174 2.51 -6.30 -20.84
C GLU B 174 1.68 -7.45 -21.39
N SER B 175 0.81 -7.99 -20.55
CA SER B 175 -0.06 -9.07 -21.00
C SER B 175 -1.02 -8.62 -22.11
N LEU B 176 -1.52 -7.39 -22.02
CA LEU B 176 -2.43 -6.91 -23.05
C LEU B 176 -1.67 -6.66 -24.36
N VAL B 177 -0.38 -6.33 -24.27
CA VAL B 177 0.43 -6.19 -25.46
C VAL B 177 0.60 -7.56 -26.14
N ALA B 178 0.82 -8.59 -25.34
CA ALA B 178 0.95 -9.94 -25.88
C ALA B 178 -0.38 -10.42 -26.49
N LEU B 179 -1.49 -10.01 -25.88
CA LEU B 179 -2.81 -10.36 -26.38
C LEU B 179 -3.01 -9.74 -27.75
N GLN B 180 -2.72 -8.44 -27.85
CA GLN B 180 -2.87 -7.74 -29.11
C GLN B 180 -2.01 -8.38 -30.21
N ARG B 181 -0.87 -8.94 -29.82
CA ARG B 181 0.07 -9.54 -30.79
C ARG B 181 -0.23 -11.00 -31.12
N GLY B 182 -1.21 -11.59 -30.44
CA GLY B 182 -1.59 -12.96 -30.69
C GLY B 182 -0.86 -13.96 -29.84
N VAL B 183 0.05 -13.48 -29.00
CA VAL B 183 0.89 -14.39 -28.22
C VAL B 183 0.10 -14.98 -27.05
N PHE B 184 -0.73 -14.15 -26.41
CA PHE B 184 -1.67 -14.55 -25.36
C PHE B 184 -3.09 -14.68 -25.92
N LEU B 185 -3.92 -15.47 -25.26
CA LEU B 185 -5.32 -15.63 -25.66
C LEU B 185 -6.26 -15.47 -24.46
N LEU B 186 -7.52 -15.14 -24.74
CA LEU B 186 -8.57 -15.18 -23.73
C LEU B 186 -9.74 -16.11 -24.13
N SER B 187 -10.39 -16.68 -23.13
CA SER B 187 -11.54 -17.54 -23.41
C SER B 187 -12.64 -16.77 -24.14
N ASP B 188 -12.70 -15.46 -23.94
CA ASP B 188 -13.64 -14.61 -24.68
C ASP B 188 -12.90 -13.80 -25.75
N TYR B 189 -12.98 -14.23 -27.00
CA TYR B 189 -12.09 -13.67 -28.02
C TYR B 189 -12.40 -12.20 -28.34
N ARG B 190 -13.54 -11.70 -27.88
CA ARG B 190 -13.93 -10.35 -28.25
C ARG B 190 -13.15 -9.31 -27.47
N VAL B 191 -12.58 -9.72 -26.34
CA VAL B 191 -11.99 -8.76 -25.40
C VAL B 191 -10.60 -8.30 -25.81
N THR B 192 -10.38 -6.98 -25.82
CA THR B 192 -9.03 -6.43 -26.00
C THR B 192 -8.71 -5.52 -24.83
N GLY B 193 -7.53 -4.90 -24.88
CA GLY B 193 -7.17 -3.94 -23.84
C GLY B 193 -7.98 -2.66 -23.89
N ASP B 194 -8.66 -2.41 -25.01
CA ASP B 194 -9.56 -1.26 -25.15
C ASP B 194 -11.01 -1.53 -24.72
N THR B 195 -11.37 -2.80 -24.58
CA THR B 195 -12.75 -3.13 -24.26
C THR B 195 -13.17 -2.50 -22.92
N VAL B 196 -14.33 -1.85 -22.91
CA VAL B 196 -14.88 -1.29 -21.68
C VAL B 196 -15.53 -2.37 -20.79
N LEU B 197 -14.99 -2.55 -19.59
CA LEU B 197 -15.33 -3.71 -18.77
C LEU B 197 -15.65 -3.27 -17.36
N CYS B 198 -16.52 -4.04 -16.71
CA CYS B 198 -16.75 -3.88 -15.28
C CYS B 198 -15.69 -4.66 -14.49
N TYR B 199 -15.63 -4.37 -13.18
CA TYR B 199 -14.72 -5.08 -12.28
C TYR B 199 -14.73 -6.59 -12.46
N CYS B 200 -15.92 -7.20 -12.34
CA CYS B 200 -16.02 -8.66 -12.41
C CYS B 200 -15.56 -9.21 -13.76
N CYS B 201 -15.97 -8.56 -14.85
CA CYS B 201 -15.57 -9.04 -16.16
C CYS B 201 -14.06 -8.86 -16.41
N GLY B 202 -13.50 -7.74 -15.95
CA GLY B 202 -12.06 -7.53 -16.03
C GLY B 202 -11.25 -8.51 -15.19
N LEU B 203 -11.70 -8.78 -13.97
CA LEU B 203 -11.06 -9.74 -13.09
C LEU B 203 -10.97 -11.12 -13.75
N ARG B 204 -12.05 -11.55 -14.41
CA ARG B 204 -12.06 -12.84 -15.05
C ARG B 204 -10.97 -12.94 -16.12
N SER B 205 -10.89 -11.95 -17.01
CA SER B 205 -9.85 -11.92 -18.04
C SER B 205 -8.45 -11.63 -17.49
N PHE B 206 -8.38 -10.80 -16.46
CA PHE B 206 -7.10 -10.53 -15.82
C PHE B 206 -6.47 -11.85 -15.30
N ARG B 207 -7.26 -12.73 -14.68
CA ARG B 207 -6.71 -14.00 -14.20
CA ARG B 207 -6.71 -14.00 -14.20
C ARG B 207 -6.20 -14.90 -15.34
N GLU B 208 -6.93 -14.94 -16.46
CA GLU B 208 -6.46 -15.69 -17.62
C GLU B 208 -5.13 -15.13 -18.18
N LEU B 209 -5.02 -13.81 -18.28
CA LEU B 209 -3.77 -13.22 -18.76
C LEU B 209 -2.63 -13.47 -17.76
N THR B 210 -2.92 -13.31 -16.48
CA THR B 210 -1.91 -13.46 -15.45
C THR B 210 -1.28 -14.87 -15.43
N TYR B 211 -2.07 -15.89 -15.75
CA TYR B 211 -1.57 -17.26 -15.81
C TYR B 211 -0.55 -17.37 -16.93
N GLN B 212 -0.90 -16.83 -18.10
CA GLN B 212 -0.02 -16.89 -19.25
C GLN B 212 1.26 -16.12 -18.99
N TYR B 213 1.15 -14.96 -18.34
CA TYR B 213 2.33 -14.22 -17.93
C TYR B 213 3.25 -15.09 -17.06
N ARG B 214 2.69 -15.74 -16.04
CA ARG B 214 3.48 -16.63 -15.19
C ARG B 214 4.20 -17.73 -15.99
N GLN B 215 3.46 -18.35 -16.90
CA GLN B 215 3.98 -19.40 -17.76
C GLN B 215 5.22 -18.96 -18.51
N ASN B 216 5.29 -17.68 -18.84
CA ASN B 216 6.40 -17.21 -19.64
C ASN B 216 7.57 -16.64 -18.83
N ILE B 217 7.54 -16.85 -17.52
CA ILE B 217 8.71 -16.49 -16.72
C ILE B 217 9.78 -17.58 -16.89
N PRO B 218 10.98 -17.18 -17.34
CA PRO B 218 12.07 -18.14 -17.55
C PRO B 218 12.48 -18.83 -16.23
N ALA B 219 12.80 -20.11 -16.30
CA ALA B 219 13.23 -20.87 -15.12
C ALA B 219 14.43 -20.28 -14.39
N SER B 220 15.40 -19.72 -15.14
CA SER B 220 16.59 -19.15 -14.50
C SER B 220 16.28 -17.98 -13.57
N GLU B 221 15.08 -17.40 -13.71
CA GLU B 221 14.71 -16.28 -12.84
C GLU B 221 13.81 -16.73 -11.69
N LEU B 222 13.72 -18.04 -11.47
CA LEU B 222 12.96 -18.57 -10.33
C LEU B 222 13.81 -19.51 -9.49
N PRO B 223 13.47 -19.64 -8.19
CA PRO B 223 14.21 -20.62 -7.39
C PRO B 223 14.14 -21.99 -8.06
N VAL B 224 15.24 -22.73 -7.98
CA VAL B 224 15.36 -24.04 -8.58
C VAL B 224 14.44 -25.04 -7.88
N ALA B 225 14.24 -24.81 -6.59
CA ALA B 225 13.37 -25.66 -5.79
C ALA B 225 11.93 -25.52 -6.24
N VAL B 226 11.59 -24.36 -6.79
CA VAL B 226 10.28 -24.15 -7.40
C VAL B 226 10.16 -24.96 -8.71
N THR B 227 11.14 -24.82 -9.59
CA THR B 227 11.07 -25.48 -10.89
C THR B 227 11.38 -26.99 -10.81
N SER B 228 11.80 -27.46 -9.64
CA SER B 228 12.13 -28.87 -9.42
C SER B 228 10.95 -29.75 -9.00
N ARG B 229 9.97 -29.16 -8.32
CA ARG B 229 8.78 -29.92 -7.90
C ARG B 229 8.12 -30.69 -9.06
N PRO B 230 7.64 -31.91 -8.77
CA PRO B 230 6.93 -32.74 -9.75
C PRO B 230 5.61 -32.07 -10.10
N ASP B 231 5.14 -32.27 -11.32
CA ASP B 231 3.86 -31.72 -11.75
C ASP B 231 2.69 -32.43 -11.12
N CYS B 232 1.67 -31.67 -10.72
CA CYS B 232 0.43 -32.31 -10.29
C CYS B 232 -0.28 -32.91 -11.51
N TYR B 233 -0.83 -34.11 -11.36
CA TYR B 233 -1.59 -34.75 -12.43
C TYR B 233 -2.68 -33.86 -12.95
N TRP B 234 -3.34 -33.14 -12.04
CA TRP B 234 -4.53 -32.35 -12.40
C TRP B 234 -4.14 -31.00 -12.96
N GLY B 235 -2.89 -30.60 -12.70
CA GLY B 235 -2.33 -29.36 -13.24
C GLY B 235 -3.07 -28.12 -12.83
N ARG B 236 -3.20 -27.21 -13.78
CA ARG B 236 -3.91 -25.95 -13.59
C ARG B 236 -5.36 -26.11 -13.13
N ASN B 237 -5.96 -27.29 -13.34
CA ASN B 237 -7.36 -27.52 -12.97
C ASN B 237 -7.52 -28.19 -11.62
N CYS B 238 -6.41 -28.41 -10.92
CA CYS B 238 -6.47 -29.13 -9.67
C CYS B 238 -7.32 -28.37 -8.66
N ARG B 239 -8.24 -29.06 -8.01
CA ARG B 239 -9.11 -28.44 -7.02
CA ARG B 239 -9.10 -28.44 -7.02
C ARG B 239 -8.46 -28.42 -5.63
N THR B 240 -7.43 -29.24 -5.43
CA THR B 240 -6.73 -29.28 -4.15
C THR B 240 -5.61 -28.25 -4.04
N GLN B 241 -5.31 -27.56 -5.14
CA GLN B 241 -4.20 -26.60 -5.11
C GLN B 241 -4.48 -25.41 -4.22
N VAL B 242 -5.73 -25.28 -3.79
CA VAL B 242 -6.10 -24.20 -2.89
C VAL B 242 -5.67 -24.52 -1.46
N LYS B 243 -5.17 -25.74 -1.23
CA LYS B 243 -4.63 -26.11 0.08
C LYS B 243 -3.10 -26.03 0.08
N ALA B 244 -2.59 -25.28 1.05
CA ALA B 244 -1.18 -24.94 1.15
C ALA B 244 -0.20 -26.11 1.03
N HIS B 245 -0.38 -27.13 1.84
CA HIS B 245 0.56 -28.23 1.82
C HIS B 245 0.69 -28.84 0.44
N HIS B 246 -0.44 -29.18 -0.17
CA HIS B 246 -0.46 -29.74 -1.52
C HIS B 246 0.11 -28.78 -2.58
N ALA B 247 -0.16 -27.49 -2.43
CA ALA B 247 0.35 -26.48 -3.36
C ALA B 247 1.85 -26.37 -3.29
N MET B 248 2.40 -26.54 -2.10
CA MET B 248 3.85 -26.45 -1.92
C MET B 248 4.58 -27.61 -2.58
N LYS B 249 3.97 -28.79 -2.55
CA LYS B 249 4.63 -30.02 -2.95
C LYS B 249 4.59 -30.27 -4.46
N PHE B 250 3.52 -29.84 -5.12
CA PHE B 250 3.43 -30.03 -6.57
C PHE B 250 3.35 -28.72 -7.33
N ASN B 251 4.00 -28.68 -8.48
CA ASN B 251 3.85 -27.57 -9.37
C ASN B 251 2.46 -27.58 -10.01
N HIS B 252 1.81 -26.42 -10.07
CA HIS B 252 0.52 -26.34 -10.73
C HIS B 252 0.49 -25.43 -11.95
N ILE B 253 1.64 -24.87 -12.31
CA ILE B 253 1.73 -24.16 -13.57
C ILE B 253 2.04 -25.19 -14.65
N CYS B 254 1.02 -25.95 -15.02
CA CYS B 254 1.20 -27.03 -15.97
C CYS B 254 -0.16 -27.52 -16.43
N GLU B 255 -0.15 -28.29 -17.50
CA GLU B 255 -1.38 -28.81 -18.07
C GLU B 255 -1.84 -30.05 -17.30
N GLN B 256 -3.15 -30.31 -17.39
CA GLN B 256 -3.70 -31.53 -16.86
C GLN B 256 -3.25 -32.72 -17.72
N THR B 257 -2.63 -33.71 -17.10
CA THR B 257 -2.15 -34.87 -17.86
C THR B 257 -2.85 -36.18 -17.51
N ARG B 258 -3.67 -36.15 -16.45
CA ARG B 258 -4.47 -37.29 -16.02
C ARG B 258 -5.92 -36.93 -15.78
N PHE B 259 -6.83 -37.85 -16.07
CA PHE B 259 -8.25 -37.59 -15.97
C PHE B 259 -9.01 -38.64 -15.16
N LYS B 260 -8.30 -39.52 -14.49
CA LYS B 260 -8.91 -40.64 -13.79
C LYS B 260 -9.86 -40.17 -12.70
ZN ZN C . -0.36 31.55 18.94
ZN ZN D . 2.82 18.24 19.16
ZN ZN E . 4.19 14.41 19.50
ZN ZN F . 10.63 13.26 9.78
ZN ZN G . 10.74 -15.57 1.63
ZN ZN H . -31.75 12.96 -15.27
ZN ZN I . -22.29 4.38 -10.05
ZN ZN J . -19.10 2.19 -8.91
ZN ZN K . -19.29 -6.92 -17.09
ZN ZN L . -2.74 -30.65 -7.42
N9 AMP M . 1.90 -38.43 -6.88
C8 AMP M . 1.01 -38.56 -5.84
N7 AMP M . -0.01 -37.74 -5.87
C5 AMP M . 0.21 -36.99 -7.02
C6 AMP M . -0.50 -35.95 -7.63
N6 AMP M . -1.64 -35.44 -7.15
N1 AMP M . -0.01 -35.42 -8.77
C2 AMP M . 1.13 -35.92 -9.25
N3 AMP M . 1.88 -36.91 -8.77
C4 AMP M . 1.37 -37.41 -7.64
N9 AMP N . -9.47 -35.78 -7.41
C8 AMP N . -10.39 -35.40 -8.35
N7 AMP N . -10.25 -34.19 -8.82
C5 AMP N . -9.14 -33.73 -8.14
C6 AMP N . -8.46 -32.50 -8.16
N6 AMP N . -8.85 -31.51 -8.97
N1 AMP N . -7.39 -32.36 -7.35
C2 AMP N . -7.02 -33.37 -6.55
N3 AMP N . -7.59 -34.58 -6.43
C4 AMP N . -8.65 -34.69 -7.25
#